data_3TNQ
#
_entry.id   3TNQ
#
_cell.length_a   153.819
_cell.length_b   212.753
_cell.length_c   61.951
_cell.angle_alpha   90.00
_cell.angle_beta   90.00
_cell.angle_gamma   90.00
#
_symmetry.space_group_name_H-M   'C 2 2 2'
#
loop_
_entity.id
_entity.type
_entity.pdbx_description
1 polymer 'Protein kinase, cAMP-dependent, catalytic, alpha'
2 polymer 'cAMP-dependent protein kinase type II-beta regulatory subunit'
3 non-polymer 'MAGNESIUM ION'
4 non-polymer "ADENOSINE-5'-DIPHOSPHATE"
5 water water
#
loop_
_entity_poly.entity_id
_entity_poly.type
_entity_poly.pdbx_seq_one_letter_code
_entity_poly.pdbx_strand_id
1 'polypeptide(L)'
;GNAAAAKKG(SEP)EQESVKEFLAKAKEDFLKKWETPSQNTAQLDQFDRIKTLGTGSFGRVMLVKHKESGNHYAMKILDK
QKVVKLKQIEHTLNEKRILQAVNFPFLVKLEFSFKDNSNLYMVMEYVAGGEMFSHLRRIGRF(SEP)EPHARFYAAQIVL
TFEYLHSLDLIYRDLKPENLLIDQQGYIQVTDFGFAKRVKGRTW(TPO)LCGTPEYLAPEIILSKGYNKAVDWWALGVLI
YEMAAGYPPFFADQPIQIYEKIVSGKVRFPSHFSSDLKDLLRNLLQVDLTKRFGNLKNGVNDIKNHKWFATTDWIAIYQR
KVEAPFIPKFKGPGDTSNFDDYEEEEIRV(SEP)INEKCGKEFTEF
;
B
2 'polypeptide(L)'
;MSIEIPAGLTELLQGFTVEVLRHQPADLLEFALQHFTRLQQENERKGAARFGHEGRTWGDAGAAAGGGIPSKGVNFAEEP
MRSDSENGEEEEAAEAGAFNAPVINRFTRRA(SEP)VCAEAYNPDEEEDDAESRIIHPKTDDQRNRLQEACKDILLFKNL
DPEQMSQVLDAMFEKLVKEGEHVIDQGDDGDNFYVIDRGTFDIYVKCDGVGRCVGNYDNRGSFGELALMYNTPKAATITA
TSPGALWGLDRVTFRRIIVKNNAKKRKMYESFIESLPFLKSLEVSERLKVVDVIGTKVYNDGEQIIAQGDLADSFFIVES
GEVKITMKRKGKSEVEENGAVEIARCFRGQYFGELALVTNKPRAASAHAIGTVKCLAMDVQAFERLLGPCMEIMKRNIAT
YEEQLVALFGTNMDIVEPTA
;
A
#
loop_
_chem_comp.id
_chem_comp.type
_chem_comp.name
_chem_comp.formula
ADP non-polymer ADENOSINE-5'-DIPHOSPHATE 'C10 H15 N5 O10 P2'
MG non-polymer 'MAGNESIUM ION' 'Mg 2'
#
# COMPACT_ATOMS: atom_id res chain seq x y z
N GLU A 17 -13.51 17.24 21.46
CA GLU A 17 -12.81 17.23 22.75
C GLU A 17 -12.72 15.86 23.41
N PHE A 18 -13.86 15.17 23.52
CA PHE A 18 -13.87 13.83 24.12
C PHE A 18 -12.66 12.99 23.70
N LEU A 19 -12.48 12.84 22.38
CA LEU A 19 -11.49 11.97 21.77
C LEU A 19 -10.13 11.76 22.43
N ALA A 20 -9.43 12.87 22.69
CA ALA A 20 -8.03 12.85 23.12
C ALA A 20 -7.75 11.74 24.14
N LYS A 21 -8.74 11.43 24.97
CA LYS A 21 -8.68 10.30 25.91
C LYS A 21 -8.34 8.98 25.22
N ALA A 22 -9.12 8.66 24.19
CA ALA A 22 -8.86 7.52 23.32
C ALA A 22 -7.37 7.30 23.16
N LYS A 23 -6.68 8.36 22.76
CA LYS A 23 -5.23 8.34 22.54
C LYS A 23 -4.51 7.78 23.76
N GLU A 24 -4.74 8.39 24.92
CA GLU A 24 -4.10 7.95 26.15
C GLU A 24 -4.53 6.55 26.55
N ASP A 25 -5.83 6.29 26.53
CA ASP A 25 -6.31 4.94 26.83
C ASP A 25 -5.61 3.92 25.92
N PHE A 26 -5.19 4.37 24.73
CA PHE A 26 -4.43 3.52 23.81
C PHE A 26 -2.97 3.39 24.20
N LEU A 27 -2.28 4.52 24.34
CA LEU A 27 -0.86 4.49 24.64
C LEU A 27 -0.58 3.56 25.80
N LYS A 28 -1.39 3.70 26.84
CA LYS A 28 -1.33 2.83 28.01
C LYS A 28 -1.28 1.36 27.61
N LYS A 29 -2.41 0.84 27.15
CA LYS A 29 -2.43 -0.52 26.60
C LYS A 29 -1.18 -0.81 25.77
N TRP A 30 -0.85 0.07 24.83
CA TRP A 30 0.16 -0.22 23.82
C TRP A 30 1.57 -0.54 24.34
N GLU A 31 2.02 0.19 25.35
CA GLU A 31 3.35 -0.10 25.91
C GLU A 31 3.36 -1.34 26.82
N THR A 32 2.24 -1.61 27.48
CA THR A 32 2.11 -2.76 28.38
C THR A 32 0.95 -3.66 28.00
N PRO A 33 1.15 -4.49 26.95
CA PRO A 33 0.09 -5.23 26.25
C PRO A 33 -0.34 -6.54 26.93
N SER A 34 -1.64 -6.86 26.89
CA SER A 34 -2.09 -8.12 27.47
C SER A 34 -1.34 -9.27 26.80
N GLN A 35 -0.75 -10.21 27.55
CA GLN A 35 0.15 -11.25 26.95
C GLN A 35 -0.26 -12.64 26.59
N ASN A 36 -0.56 -13.37 27.64
CA ASN A 36 -0.97 -14.75 27.56
C ASN A 36 -2.13 -14.80 28.53
N THR A 37 -3.35 -14.95 28.02
CA THR A 37 -4.56 -14.86 28.83
C THR A 37 -5.56 -16.03 28.63
N ALA A 38 -5.06 -17.17 28.16
CA ALA A 38 -5.85 -18.42 28.10
C ALA A 38 -5.05 -19.58 27.52
N GLN A 39 -5.71 -20.74 27.38
CA GLN A 39 -5.13 -21.86 26.61
C GLN A 39 -6.18 -22.69 25.90
N LEU A 40 -5.74 -23.45 24.89
CA LEU A 40 -6.63 -24.01 23.89
C LEU A 40 -7.82 -24.79 24.48
N ASP A 41 -7.60 -25.39 25.64
CA ASP A 41 -8.56 -26.32 26.22
C ASP A 41 -9.71 -25.66 27.00
N GLN A 42 -9.99 -24.38 26.75
CA GLN A 42 -11.10 -23.73 27.43
C GLN A 42 -12.21 -23.51 26.42
N PHE A 43 -11.88 -23.79 25.17
CA PHE A 43 -12.80 -23.59 24.07
C PHE A 43 -13.01 -24.92 23.38
N ASP A 44 -14.15 -25.07 22.73
CA ASP A 44 -14.41 -26.29 21.97
C ASP A 44 -14.39 -25.98 20.49
N ARG A 45 -13.34 -26.41 19.79
CA ARG A 45 -13.23 -26.25 18.34
C ARG A 45 -14.51 -26.72 17.64
N ILE A 46 -15.37 -25.77 17.27
CA ILE A 46 -16.64 -26.10 16.63
C ILE A 46 -16.48 -26.29 15.12
N LYS A 47 -16.31 -25.19 14.40
CA LYS A 47 -16.25 -25.24 12.93
C LYS A 47 -15.20 -24.28 12.36
N THR A 48 -14.62 -24.61 11.20
CA THR A 48 -13.70 -23.69 10.55
C THR A 48 -14.50 -22.59 9.85
N LEU A 49 -14.11 -21.35 10.14
CA LEU A 49 -14.79 -20.17 9.61
C LEU A 49 -14.06 -19.59 8.42
N GLY A 50 -12.73 -19.76 8.40
CA GLY A 50 -11.90 -19.21 7.35
C GLY A 50 -10.50 -19.77 7.36
N THR A 51 -9.90 -19.92 6.18
CA THR A 51 -8.51 -20.35 6.06
C THR A 51 -7.66 -19.17 5.64
N GLY A 52 -6.47 -19.09 6.22
CA GLY A 52 -5.49 -18.09 5.85
C GLY A 52 -4.15 -18.72 5.55
N SER A 53 -3.16 -18.45 6.40
CA SER A 53 -1.87 -19.14 6.37
C SER A 53 -0.94 -18.71 7.51
N PHE A 54 -0.59 -19.66 8.37
CA PHE A 54 -1.42 -20.82 8.62
C PHE A 54 -1.99 -20.40 9.95
N GLY A 55 -3.25 -20.00 9.98
CA GLY A 55 -4.28 -20.24 8.97
C GLY A 55 -5.36 -20.60 9.98
N ARG A 56 -6.50 -20.78 9.38
CA ARG A 56 -7.83 -21.37 9.69
C ARG A 56 -8.73 -20.91 10.87
N VAL A 57 -9.38 -19.73 10.73
CA VAL A 57 -10.27 -19.25 11.80
C VAL A 57 -11.31 -20.25 12.26
N MET A 58 -11.47 -20.41 13.58
CA MET A 58 -12.43 -21.39 14.04
C MET A 58 -13.49 -20.74 14.88
N LEU A 59 -14.72 -21.12 14.64
CA LEU A 59 -15.78 -20.85 15.59
C LEU A 59 -15.46 -21.74 16.78
N VAL A 60 -15.63 -21.20 17.98
CA VAL A 60 -15.33 -21.99 19.14
C VAL A 60 -16.40 -21.81 20.21
N LYS A 61 -16.58 -22.88 20.97
CA LYS A 61 -17.51 -22.93 22.08
C LYS A 61 -16.64 -22.73 23.31
N HIS A 62 -16.79 -21.62 24.01
CA HIS A 62 -16.05 -21.50 25.25
C HIS A 62 -16.77 -22.31 26.31
N LYS A 63 -16.01 -23.10 27.05
CA LYS A 63 -16.56 -24.12 27.93
C LYS A 63 -17.36 -23.59 29.10
N GLU A 64 -16.76 -22.68 29.85
CA GLU A 64 -17.40 -22.15 31.04
C GLU A 64 -18.52 -21.18 30.71
N SER A 65 -18.16 -20.05 30.11
CA SER A 65 -19.11 -19.00 29.78
C SER A 65 -20.17 -19.51 28.80
N GLY A 66 -19.77 -20.44 27.95
CA GLY A 66 -20.61 -20.88 26.85
C GLY A 66 -20.64 -19.76 25.83
N ASN A 67 -20.04 -18.63 26.19
CA ASN A 67 -19.83 -17.55 25.25
C ASN A 67 -19.13 -18.14 24.04
N HIS A 68 -19.51 -17.65 22.87
CA HIS A 68 -18.92 -18.10 21.60
C HIS A 68 -17.87 -17.09 21.13
N TYR A 69 -16.78 -17.58 20.52
CA TYR A 69 -15.73 -16.71 19.96
C TYR A 69 -15.12 -17.25 18.66
N ALA A 70 -14.36 -16.40 18.00
CA ALA A 70 -13.63 -16.76 16.78
C ALA A 70 -12.17 -16.69 17.11
N MET A 71 -11.44 -17.76 16.79
CA MET A 71 -10.05 -17.88 17.20
C MET A 71 -9.12 -18.07 16.01
N LYS A 72 -8.35 -17.03 15.71
CA LYS A 72 -7.43 -17.07 14.58
C LYS A 72 -6.20 -17.89 14.94
N ILE A 73 -6.00 -18.96 14.19
CA ILE A 73 -4.89 -19.88 14.40
C ILE A 73 -3.71 -19.48 13.52
N LEU A 74 -2.51 -19.49 14.11
CA LEU A 74 -1.27 -19.09 13.43
C LEU A 74 -0.03 -19.98 13.71
N ASP A 75 0.30 -20.85 12.75
CA ASP A 75 1.48 -21.73 12.78
C ASP A 75 2.79 -20.94 12.71
N LYS A 76 3.44 -20.80 13.87
CA LYS A 76 4.68 -20.03 13.97
C LYS A 76 5.66 -20.33 12.84
N GLN A 77 5.68 -21.57 12.37
CA GLN A 77 6.65 -21.93 11.33
C GLN A 77 6.39 -21.30 9.96
N LYS A 78 5.12 -21.20 9.58
CA LYS A 78 4.74 -20.64 8.27
C LYS A 78 5.09 -19.16 8.26
N VAL A 79 4.44 -18.42 9.16
CA VAL A 79 4.77 -17.04 9.42
C VAL A 79 6.28 -16.89 9.29
N VAL A 80 6.99 -17.44 10.26
CA VAL A 80 8.43 -17.38 10.27
C VAL A 80 9.07 -17.62 8.90
N LYS A 81 8.59 -18.64 8.18
CA LYS A 81 9.15 -19.02 6.87
C LYS A 81 8.73 -18.02 5.80
N LEU A 82 7.60 -17.35 6.04
CA LEU A 82 7.15 -16.34 5.11
C LEU A 82 7.53 -14.94 5.57
N LYS A 83 8.62 -14.81 6.31
CA LYS A 83 9.09 -13.50 6.73
C LYS A 83 7.91 -12.62 7.13
N GLN A 84 7.21 -13.03 8.18
CA GLN A 84 5.96 -12.38 8.60
C GLN A 84 5.89 -12.18 10.11
N ILE A 85 7.03 -12.31 10.78
CA ILE A 85 7.11 -12.20 12.23
C ILE A 85 6.66 -10.81 12.70
N GLU A 86 7.35 -9.73 12.30
CA GLU A 86 6.85 -8.38 12.54
C GLU A 86 5.35 -8.23 12.30
N HIS A 87 4.88 -8.65 11.15
CA HIS A 87 3.53 -8.25 10.90
C HIS A 87 2.65 -8.84 11.97
N THR A 88 3.14 -9.90 12.59
CA THR A 88 2.28 -10.68 13.45
C THR A 88 2.16 -10.09 14.83
N LEU A 89 3.28 -9.63 15.38
CA LEU A 89 3.25 -8.93 16.66
C LEU A 89 2.51 -7.62 16.49
N ASN A 90 2.72 -6.99 15.33
CA ASN A 90 1.98 -5.79 14.97
C ASN A 90 0.51 -6.02 15.10
N GLU A 91 0.03 -7.05 14.41
CA GLU A 91 -1.37 -7.38 14.47
C GLU A 91 -1.79 -7.30 15.93
N LYS A 92 -1.16 -8.11 16.78
CA LYS A 92 -1.56 -8.25 18.17
C LYS A 92 -1.35 -7.03 19.11
N ARG A 93 -0.14 -6.50 19.17
CA ARG A 93 0.14 -5.35 20.05
C ARG A 93 -0.94 -4.34 19.79
N ILE A 94 -0.91 -3.78 18.59
CA ILE A 94 -1.98 -2.93 18.10
C ILE A 94 -3.31 -3.36 18.68
N LEU A 95 -3.76 -4.52 18.18
CA LEU A 95 -5.13 -5.03 18.37
C LEU A 95 -5.69 -5.31 19.77
N GLN A 96 -4.92 -5.18 20.80
CA GLN A 96 -5.39 -5.36 22.16
C GLN A 96 -5.49 -3.97 22.68
N ALA A 97 -4.71 -3.09 22.04
CA ALA A 97 -4.42 -1.80 22.58
C ALA A 97 -5.37 -0.73 22.09
N VAL A 98 -6.43 -1.18 21.46
CA VAL A 98 -7.35 -0.33 20.72
C VAL A 98 -8.82 -0.53 21.04
N ASN A 99 -9.64 0.40 20.56
CA ASN A 99 -11.04 0.43 20.96
C ASN A 99 -11.91 1.28 20.03
N PHE A 100 -12.85 0.62 19.35
CA PHE A 100 -13.79 1.35 18.51
C PHE A 100 -14.97 0.45 18.18
N PRO A 101 -16.17 1.05 18.04
CA PRO A 101 -17.40 0.38 17.63
C PRO A 101 -17.22 -0.61 16.49
N PHE A 102 -16.46 -0.23 15.47
CA PHE A 102 -16.36 -1.03 14.26
C PHE A 102 -15.03 -1.80 14.18
N LEU A 103 -14.23 -1.70 15.23
CA LEU A 103 -13.07 -2.56 15.38
C LEU A 103 -13.40 -3.81 16.18
N VAL A 104 -13.00 -4.96 15.64
CA VAL A 104 -13.23 -6.24 16.29
C VAL A 104 -12.50 -6.35 17.64
N LYS A 105 -13.22 -6.70 18.66
CA LYS A 105 -12.77 -6.78 20.04
C LYS A 105 -11.98 -8.10 20.29
N LEU A 106 -10.76 -7.99 20.79
CA LEU A 106 -9.91 -9.15 21.07
C LEU A 106 -10.00 -9.61 22.53
N GLU A 107 -10.52 -10.80 22.76
CA GLU A 107 -10.87 -11.25 24.10
C GLU A 107 -9.67 -11.87 24.81
N PHE A 108 -8.93 -12.73 24.10
CA PHE A 108 -7.73 -13.32 24.67
C PHE A 108 -6.73 -13.57 23.57
N SER A 109 -5.46 -13.55 23.94
CA SER A 109 -4.41 -14.03 23.07
C SER A 109 -3.52 -14.95 23.89
N PHE A 110 -2.91 -15.93 23.25
CA PHE A 110 -1.94 -16.79 23.91
C PHE A 110 -1.16 -17.62 22.91
N LYS A 111 -0.16 -18.35 23.37
CA LYS A 111 0.62 -19.20 22.46
C LYS A 111 0.89 -20.61 22.99
N ASP A 112 1.44 -21.45 22.12
CA ASP A 112 1.88 -22.79 22.47
C ASP A 112 3.04 -23.27 21.57
N ASN A 113 3.41 -24.53 21.70
CA ASN A 113 4.56 -25.03 20.96
C ASN A 113 4.51 -24.69 19.50
N SER A 114 3.40 -25.00 18.85
CA SER A 114 3.31 -24.79 17.41
C SER A 114 2.68 -23.44 17.05
N ASN A 115 1.54 -23.12 17.64
CA ASN A 115 0.71 -22.04 17.13
C ASN A 115 0.63 -20.75 17.94
N LEU A 116 0.16 -19.70 17.27
CA LEU A 116 -0.25 -18.46 17.89
C LEU A 116 -1.75 -18.42 17.84
N TYR A 117 -2.40 -17.87 18.86
CA TYR A 117 -3.86 -17.85 18.85
C TYR A 117 -4.40 -16.50 19.27
N MET A 118 -5.39 -16.01 18.54
CA MET A 118 -6.07 -14.78 18.90
C MET A 118 -7.57 -15.04 18.95
N VAL A 119 -8.19 -14.69 20.08
CA VAL A 119 -9.63 -14.88 20.26
C VAL A 119 -10.37 -13.57 20.15
N MET A 120 -11.09 -13.35 19.06
CA MET A 120 -11.86 -12.12 18.96
C MET A 120 -13.33 -12.41 19.19
N GLU A 121 -14.10 -11.35 19.37
CA GLU A 121 -15.56 -11.44 19.38
C GLU A 121 -16.01 -12.03 18.04
N TYR A 122 -16.71 -13.16 18.07
CA TYR A 122 -17.21 -13.74 16.82
C TYR A 122 -18.29 -12.88 16.16
N VAL A 123 -18.02 -12.44 14.94
CA VAL A 123 -18.97 -11.68 14.14
C VAL A 123 -19.72 -12.63 13.22
N ALA A 124 -21.01 -12.77 13.45
CA ALA A 124 -21.76 -13.85 12.82
C ALA A 124 -22.31 -13.50 11.46
N GLY A 125 -22.35 -12.21 11.14
CA GLY A 125 -22.92 -11.73 9.88
C GLY A 125 -22.29 -12.32 8.62
N GLY A 126 -21.05 -12.79 8.72
CA GLY A 126 -20.28 -13.21 7.56
C GLY A 126 -19.60 -12.04 6.86
N GLU A 127 -19.05 -12.27 5.68
CA GLU A 127 -18.28 -11.23 4.99
C GLU A 127 -19.11 -10.37 4.06
N MET A 128 -18.81 -9.07 4.05
CA MET A 128 -19.41 -8.19 3.09
C MET A 128 -19.09 -8.66 1.68
N PHE A 129 -17.98 -9.39 1.54
CA PHE A 129 -17.63 -9.99 0.25
C PHE A 129 -18.67 -11.00 -0.12
N SER A 130 -18.94 -11.91 0.80
CA SER A 130 -19.98 -12.91 0.62
C SER A 130 -21.29 -12.28 0.15
N HIS A 131 -21.78 -11.31 0.91
CA HIS A 131 -23.01 -10.63 0.58
C HIS A 131 -22.98 -10.06 -0.84
N LEU A 132 -22.00 -9.21 -1.08
CA LEU A 132 -21.83 -8.54 -2.35
C LEU A 132 -21.90 -9.47 -3.55
N ARG A 133 -21.09 -10.52 -3.56
CA ARG A 133 -21.05 -11.38 -4.74
C ARG A 133 -22.42 -11.98 -4.95
N ARG A 134 -22.95 -12.56 -3.88
CA ARG A 134 -24.31 -13.09 -3.81
C ARG A 134 -25.33 -12.08 -4.36
N ILE A 135 -25.39 -10.92 -3.74
CA ILE A 135 -26.39 -9.92 -4.06
C ILE A 135 -26.17 -9.19 -5.40
N GLY A 136 -24.92 -9.02 -5.82
CA GLY A 136 -24.63 -8.30 -7.04
C GLY A 136 -23.97 -6.94 -6.81
N ARG A 137 -24.68 -6.03 -6.14
CA ARG A 137 -24.10 -4.74 -5.79
C ARG A 137 -24.92 -3.99 -4.77
N PHE A 138 -24.35 -2.94 -4.21
CA PHE A 138 -25.03 -2.19 -3.16
C PHE A 138 -25.67 -0.89 -3.67
N SEP A 139 -26.80 -0.54 -3.07
CA SEP A 139 -27.43 0.71 -3.42
CB SEP A 139 -28.85 0.78 -2.85
OG SEP A 139 -28.85 0.88 -1.43
C SEP A 139 -26.55 1.77 -2.82
O SEP A 139 -25.90 1.55 -1.80
P SEP A 139 -30.37 0.76 -0.94
O1P SEP A 139 -30.76 -0.80 -0.89
O2P SEP A 139 -30.54 1.37 0.55
O3P SEP A 139 -31.30 1.56 -1.99
N GLU A 140 -26.48 2.92 -3.47
CA GLU A 140 -25.63 3.98 -2.98
C GLU A 140 -25.89 4.19 -1.49
N PRO A 141 -27.16 4.38 -1.11
CA PRO A 141 -27.47 4.53 0.31
C PRO A 141 -26.94 3.34 1.11
N HIS A 142 -27.06 2.15 0.56
CA HIS A 142 -26.62 0.97 1.27
C HIS A 142 -25.10 1.02 1.47
N ALA A 143 -24.36 1.11 0.36
CA ALA A 143 -22.91 1.26 0.40
C ALA A 143 -22.53 2.42 1.30
N ARG A 144 -23.29 3.50 1.20
CA ARG A 144 -22.97 4.68 1.97
C ARG A 144 -22.98 4.40 3.48
N PHE A 145 -23.81 3.47 3.91
CA PHE A 145 -23.90 3.17 5.35
C PHE A 145 -22.63 2.50 5.85
N TYR A 146 -22.08 1.62 5.02
CA TYR A 146 -20.85 0.95 5.34
C TYR A 146 -19.76 1.99 5.28
N ALA A 147 -19.61 2.56 4.09
CA ALA A 147 -18.58 3.56 3.85
C ALA A 147 -18.43 4.50 5.05
N ALA A 148 -19.56 5.03 5.52
CA ALA A 148 -19.51 5.96 6.64
C ALA A 148 -18.71 5.35 7.78
N GLN A 149 -18.99 4.10 8.08
CA GLN A 149 -18.35 3.40 9.20
C GLN A 149 -16.86 3.28 9.00
N ILE A 150 -16.46 2.90 7.80
CA ILE A 150 -15.06 2.80 7.50
C ILE A 150 -14.37 4.14 7.64
N VAL A 151 -15.02 5.19 7.15
CA VAL A 151 -14.43 6.51 7.27
C VAL A 151 -14.05 6.77 8.72
N LEU A 152 -15.03 6.67 9.60
CA LEU A 152 -14.80 6.91 11.00
C LEU A 152 -13.59 6.12 11.50
N THR A 153 -13.60 4.81 11.27
CA THR A 153 -12.55 3.94 11.79
C THR A 153 -11.16 4.44 11.36
N PHE A 154 -10.96 4.62 10.06
CA PHE A 154 -9.71 5.16 9.58
C PHE A 154 -9.35 6.43 10.33
N GLU A 155 -10.32 7.31 10.55
CA GLU A 155 -10.08 8.54 11.31
C GLU A 155 -9.45 8.25 12.68
N TYR A 156 -10.19 7.50 13.49
CA TYR A 156 -9.71 7.06 14.80
C TYR A 156 -8.33 6.39 14.74
N LEU A 157 -8.08 5.64 13.66
CA LEU A 157 -6.86 4.87 13.54
C LEU A 157 -5.69 5.79 13.28
N HIS A 158 -5.85 6.67 12.30
CA HIS A 158 -4.78 7.58 11.92
C HIS A 158 -4.50 8.52 13.08
N SER A 159 -5.51 8.77 13.89
CA SER A 159 -5.36 9.64 15.05
C SER A 159 -4.25 9.09 15.95
N LEU A 160 -4.05 7.80 15.90
CA LEU A 160 -3.10 7.19 16.79
C LEU A 160 -1.87 6.85 15.99
N ASP A 161 -1.87 7.28 14.74
CA ASP A 161 -0.76 7.01 13.83
C ASP A 161 -0.67 5.53 13.46
N LEU A 162 -1.83 4.94 13.23
CA LEU A 162 -1.93 3.56 12.76
C LEU A 162 -2.58 3.52 11.39
N ILE A 163 -1.98 2.81 10.45
CA ILE A 163 -2.67 2.49 9.21
C ILE A 163 -3.14 1.05 9.14
N TYR A 164 -4.25 0.83 8.45
CA TYR A 164 -4.83 -0.49 8.35
C TYR A 164 -4.15 -1.28 7.26
N ARG A 165 -4.11 -0.70 6.07
CA ARG A 165 -3.38 -1.26 4.93
C ARG A 165 -3.91 -2.56 4.36
N ASP A 166 -5.13 -2.98 4.69
CA ASP A 166 -5.68 -4.20 4.10
C ASP A 166 -7.19 -4.15 3.97
N LEU A 167 -7.70 -3.09 3.35
CA LEU A 167 -9.13 -2.91 3.19
C LEU A 167 -9.64 -3.76 2.04
N LYS A 168 -10.76 -4.43 2.26
CA LYS A 168 -11.46 -5.15 1.20
C LYS A 168 -12.71 -5.82 1.75
N PRO A 169 -13.66 -6.14 0.87
CA PRO A 169 -14.90 -6.74 1.38
C PRO A 169 -14.60 -7.99 2.19
N GLU A 170 -13.50 -8.67 1.86
CA GLU A 170 -13.15 -9.94 2.48
C GLU A 170 -12.65 -9.72 3.89
N ASN A 171 -12.44 -8.47 4.24
CA ASN A 171 -11.85 -8.12 5.52
C ASN A 171 -12.85 -7.33 6.36
N LEU A 172 -14.09 -7.25 5.86
CA LEU A 172 -15.16 -6.55 6.56
C LEU A 172 -16.33 -7.47 6.91
N LEU A 173 -16.61 -7.58 8.20
CA LEU A 173 -17.68 -8.47 8.65
C LEU A 173 -18.92 -7.70 9.11
N ILE A 174 -20.07 -8.37 9.04
CA ILE A 174 -21.30 -7.76 9.49
C ILE A 174 -21.70 -8.35 10.82
N ASP A 175 -22.16 -7.49 11.70
CA ASP A 175 -22.71 -7.98 12.94
C ASP A 175 -24.23 -8.16 12.82
N GLN A 176 -24.80 -8.88 13.77
CA GLN A 176 -26.21 -9.16 13.68
C GLN A 176 -26.98 -7.87 13.52
N GLN A 177 -26.47 -6.78 14.09
CA GLN A 177 -27.15 -5.49 13.99
C GLN A 177 -27.05 -4.86 12.58
N GLY A 178 -26.37 -5.54 11.66
CA GLY A 178 -26.26 -5.06 10.29
C GLY A 178 -25.08 -4.13 10.07
N TYR A 179 -24.39 -3.79 11.17
CA TYR A 179 -23.22 -2.91 11.12
C TYR A 179 -21.93 -3.63 10.73
N ILE A 180 -20.81 -2.89 10.72
CA ILE A 180 -19.55 -3.42 10.21
C ILE A 180 -18.51 -3.66 11.30
N GLN A 181 -17.63 -4.62 11.06
CA GLN A 181 -16.46 -4.81 11.90
C GLN A 181 -15.25 -5.06 11.01
N VAL A 182 -14.23 -4.22 11.17
CA VAL A 182 -12.99 -4.38 10.46
C VAL A 182 -12.19 -5.56 11.02
N THR A 183 -11.59 -6.38 10.15
CA THR A 183 -11.20 -7.72 10.58
C THR A 183 -9.71 -8.14 10.64
N ASP A 184 -8.90 -7.79 9.65
CA ASP A 184 -7.59 -8.43 9.56
C ASP A 184 -6.44 -7.41 9.73
N PHE A 185 -5.90 -7.34 10.94
CA PHE A 185 -4.86 -6.36 11.24
C PHE A 185 -3.44 -6.79 10.93
N GLY A 186 -3.28 -7.84 10.13
CA GLY A 186 -1.96 -8.38 9.81
C GLY A 186 -1.01 -7.42 9.14
N PHE A 187 -1.53 -6.29 8.67
CA PHE A 187 -0.73 -5.28 7.99
C PHE A 187 -0.77 -3.96 8.75
N ALA A 188 -1.71 -3.86 9.68
CA ALA A 188 -1.80 -2.65 10.48
C ALA A 188 -0.45 -2.34 11.11
N LYS A 189 -0.09 -1.06 11.10
CA LYS A 189 1.23 -0.66 11.57
C LYS A 189 1.19 0.72 12.18
N ARG A 190 1.94 0.91 13.26
CA ARG A 190 2.08 2.25 13.79
C ARG A 190 3.27 2.98 13.12
N VAL A 191 2.95 3.97 12.27
CA VAL A 191 3.93 4.65 11.44
C VAL A 191 3.90 6.13 11.74
N LYS A 192 4.99 6.72 12.16
CA LYS A 192 4.97 8.15 12.36
C LYS A 192 5.66 8.89 11.23
N GLY A 193 6.78 8.34 10.79
CA GLY A 193 7.49 8.91 9.65
C GLY A 193 6.83 8.51 8.34
N ARG A 194 7.43 7.55 7.67
CA ARG A 194 6.89 7.02 6.42
C ARG A 194 7.39 5.59 6.24
N THR A 195 6.47 4.66 6.01
CA THR A 195 6.85 3.25 5.98
C THR A 195 6.90 2.78 4.54
N TRP A 196 7.40 1.56 4.31
CA TRP A 196 7.86 1.20 2.97
C TRP A 196 7.41 -0.13 2.42
N TPO A 197 6.74 -0.93 3.25
CA TPO A 197 6.44 -2.31 2.89
CB TPO A 197 6.03 -3.09 4.10
CG2 TPO A 197 5.71 -4.53 3.76
OG1 TPO A 197 7.08 -3.02 5.05
P TPO A 197 6.32 -2.34 6.25
O1P TPO A 197 5.84 -1.04 5.77
O2P TPO A 197 7.24 -2.06 7.52
O3P TPO A 197 5.07 -3.30 6.59
C TPO A 197 5.40 -2.43 1.81
O TPO A 197 4.35 -1.77 1.86
N LEU A 198 5.67 -3.26 0.83
CA LEU A 198 4.73 -3.46 -0.26
C LEU A 198 3.81 -4.58 0.13
N CYS A 199 2.62 -4.21 0.60
CA CYS A 199 1.61 -5.20 0.97
C CYS A 199 0.21 -4.64 0.88
N GLY A 200 -0.76 -5.54 0.93
CA GLY A 200 -2.16 -5.21 0.80
C GLY A 200 -2.83 -6.26 -0.04
N THR A 201 -3.61 -5.82 -1.03
CA THR A 201 -4.33 -6.72 -1.90
C THR A 201 -4.34 -6.09 -3.26
N PRO A 202 -3.90 -6.82 -4.27
CA PRO A 202 -3.59 -6.16 -5.53
C PRO A 202 -4.63 -5.13 -5.97
N GLU A 203 -5.88 -5.56 -6.06
CA GLU A 203 -6.96 -4.70 -6.52
C GLU A 203 -7.12 -3.40 -5.71
N TYR A 204 -6.45 -3.34 -4.54
CA TYR A 204 -6.61 -2.23 -3.60
C TYR A 204 -5.35 -1.45 -3.24
N LEU A 205 -4.27 -1.66 -3.99
CA LEU A 205 -2.99 -1.01 -3.66
C LEU A 205 -2.93 0.43 -4.15
N ALA A 206 -2.51 1.35 -3.29
CA ALA A 206 -2.29 2.73 -3.72
C ALA A 206 -1.05 2.82 -4.62
N PRO A 207 -1.08 3.73 -5.61
CA PRO A 207 0.06 3.83 -6.50
C PRO A 207 1.38 4.00 -5.75
N GLU A 208 1.39 4.77 -4.67
CA GLU A 208 2.66 5.02 -4.01
C GLU A 208 3.24 3.73 -3.45
N ILE A 209 2.38 2.77 -3.14
CA ILE A 209 2.88 1.49 -2.66
C ILE A 209 3.47 0.68 -3.82
N ILE A 210 2.76 0.69 -4.93
CA ILE A 210 3.15 -0.10 -6.10
C ILE A 210 4.55 0.31 -6.49
N LEU A 211 4.88 1.56 -6.20
CA LEU A 211 6.08 2.16 -6.76
C LEU A 211 7.20 2.44 -5.75
N SER A 212 7.04 1.91 -4.54
CA SER A 212 8.13 1.94 -3.59
C SER A 212 8.54 3.37 -3.27
N LYS A 213 7.57 4.28 -3.35
CA LYS A 213 7.70 5.67 -2.93
C LYS A 213 7.82 5.86 -1.42
N GLY A 214 7.28 4.97 -0.62
CA GLY A 214 7.21 5.23 0.82
C GLY A 214 5.93 5.98 1.14
N TYR A 215 5.31 5.72 2.28
CA TYR A 215 3.97 6.22 2.48
C TYR A 215 3.50 6.27 3.94
N ASN A 216 2.30 6.84 4.13
CA ASN A 216 1.62 6.75 5.40
C ASN A 216 0.10 6.63 5.19
N LYS A 217 -0.68 7.54 5.72
CA LYS A 217 -2.14 7.39 5.77
C LYS A 217 -2.92 7.39 4.49
N ALA A 218 -2.41 8.12 3.51
CA ALA A 218 -3.13 8.35 2.27
C ALA A 218 -3.42 7.07 1.54
N VAL A 219 -2.68 6.03 1.90
CA VAL A 219 -2.83 4.77 1.21
C VAL A 219 -4.13 4.15 1.67
N ASP A 220 -4.46 4.35 2.95
CA ASP A 220 -5.72 3.89 3.49
C ASP A 220 -6.87 4.52 2.73
N TRP A 221 -6.77 5.83 2.48
CA TRP A 221 -7.85 6.53 1.81
C TRP A 221 -8.01 6.10 0.35
N TRP A 222 -6.91 6.01 -0.38
CA TRP A 222 -6.99 5.44 -1.70
C TRP A 222 -7.83 4.17 -1.62
N ALA A 223 -7.49 3.29 -0.70
CA ALA A 223 -8.25 2.05 -0.51
C ALA A 223 -9.74 2.36 -0.39
N LEU A 224 -10.08 3.35 0.42
CA LEU A 224 -11.48 3.74 0.58
C LEU A 224 -12.17 3.93 -0.77
N GLY A 225 -11.53 4.67 -1.67
CA GLY A 225 -12.08 4.85 -2.99
C GLY A 225 -12.44 3.48 -3.52
N VAL A 226 -11.43 2.64 -3.67
CA VAL A 226 -11.62 1.34 -4.27
C VAL A 226 -12.78 0.55 -3.67
N LEU A 227 -12.85 0.50 -2.36
CA LEU A 227 -13.95 -0.19 -1.72
C LEU A 227 -15.31 0.35 -2.20
N ILE A 228 -15.53 1.66 -2.10
CA ILE A 228 -16.83 2.23 -2.46
C ILE A 228 -17.13 1.89 -3.90
N TYR A 229 -16.17 2.12 -4.79
CA TYR A 229 -16.38 1.79 -6.18
C TYR A 229 -16.84 0.34 -6.26
N GLU A 230 -16.17 -0.56 -5.57
CA GLU A 230 -16.58 -1.94 -5.63
C GLU A 230 -17.99 -2.18 -5.07
N MET A 231 -18.29 -1.65 -3.89
CA MET A 231 -19.64 -1.82 -3.32
C MET A 231 -20.77 -1.44 -4.28
N ALA A 232 -20.76 -0.19 -4.74
CA ALA A 232 -21.78 0.30 -5.66
C ALA A 232 -21.70 -0.32 -7.05
N ALA A 233 -20.51 -0.50 -7.58
CA ALA A 233 -20.38 -0.99 -8.93
C ALA A 233 -20.54 -2.50 -8.96
N GLY A 234 -20.37 -3.13 -7.80
CA GLY A 234 -20.47 -4.57 -7.71
C GLY A 234 -19.18 -5.27 -8.08
N TYR A 235 -18.18 -4.48 -8.47
CA TYR A 235 -16.84 -4.94 -8.78
C TYR A 235 -15.86 -3.79 -8.58
N PRO A 236 -14.56 -4.09 -8.52
CA PRO A 236 -13.50 -3.08 -8.36
C PRO A 236 -13.16 -2.35 -9.65
N PRO A 237 -12.59 -1.13 -9.53
CA PRO A 237 -12.24 -0.23 -10.63
C PRO A 237 -11.03 -0.66 -11.45
N PHE A 238 -10.05 -1.29 -10.82
CA PHE A 238 -8.87 -1.67 -11.60
C PHE A 238 -8.80 -3.17 -11.77
N PHE A 239 -8.93 -3.61 -13.01
CA PHE A 239 -9.17 -5.02 -13.28
C PHE A 239 -8.40 -5.60 -14.46
N ALA A 240 -7.95 -6.83 -14.28
CA ALA A 240 -7.43 -7.66 -15.36
C ALA A 240 -7.23 -9.06 -14.80
N ASP A 241 -6.83 -9.98 -15.66
CA ASP A 241 -6.51 -11.34 -15.24
C ASP A 241 -5.04 -11.51 -14.90
N GLN A 242 -4.22 -10.61 -15.45
CA GLN A 242 -2.80 -10.57 -15.11
C GLN A 242 -2.59 -9.38 -14.19
N PRO A 243 -2.08 -9.69 -12.99
CA PRO A 243 -1.84 -8.70 -11.91
C PRO A 243 -1.10 -7.45 -12.38
N ILE A 244 0.04 -7.63 -13.04
CA ILE A 244 0.79 -6.50 -13.55
C ILE A 244 -0.13 -5.51 -14.25
N GLN A 245 -1.07 -6.05 -15.02
CA GLN A 245 -1.96 -5.22 -15.81
C GLN A 245 -2.89 -4.41 -14.93
N ILE A 246 -3.34 -5.01 -13.82
CA ILE A 246 -4.06 -4.25 -12.81
C ILE A 246 -3.18 -3.09 -12.39
N TYR A 247 -1.99 -3.42 -11.91
CA TYR A 247 -1.06 -2.42 -11.45
C TYR A 247 -0.89 -1.27 -12.45
N GLU A 248 -0.56 -1.60 -13.69
CA GLU A 248 -0.45 -0.59 -14.73
C GLU A 248 -1.64 0.36 -14.69
N LYS A 249 -2.85 -0.18 -14.69
CA LYS A 249 -4.06 0.64 -14.67
C LYS A 249 -4.16 1.51 -13.41
N ILE A 250 -3.72 0.97 -12.28
CA ILE A 250 -3.79 1.71 -11.03
C ILE A 250 -2.97 2.98 -11.14
N VAL A 251 -1.76 2.79 -11.66
CA VAL A 251 -0.71 3.81 -11.66
C VAL A 251 -1.01 4.95 -12.63
N SER A 252 -1.86 4.70 -13.62
CA SER A 252 -2.37 5.78 -14.46
C SER A 252 -3.57 6.48 -13.82
N GLY A 253 -4.27 5.79 -12.92
CA GLY A 253 -5.39 6.36 -12.17
C GLY A 253 -6.71 6.49 -12.91
N LYS A 254 -6.67 6.30 -14.23
CA LYS A 254 -7.84 6.53 -15.08
C LYS A 254 -8.84 5.39 -14.93
N VAL A 255 -10.09 5.73 -14.66
CA VAL A 255 -11.10 4.71 -14.36
C VAL A 255 -12.50 5.02 -14.91
N ARG A 256 -13.12 4.07 -15.58
CA ARG A 256 -14.52 4.25 -16.00
C ARG A 256 -15.50 4.12 -14.83
N PHE A 257 -16.55 4.93 -14.83
CA PHE A 257 -17.62 4.74 -13.87
C PHE A 257 -18.83 4.13 -14.54
N PRO A 258 -19.41 3.11 -13.90
CA PRO A 258 -20.61 2.44 -14.38
C PRO A 258 -21.74 3.43 -14.61
N SER A 259 -22.45 3.25 -15.71
CA SER A 259 -23.54 4.13 -16.12
C SER A 259 -24.37 4.66 -14.96
N HIS A 260 -24.58 3.81 -13.94
CA HIS A 260 -25.59 4.05 -12.92
C HIS A 260 -25.12 4.74 -11.63
N PHE A 261 -24.19 5.68 -11.73
CA PHE A 261 -23.59 6.24 -10.53
C PHE A 261 -24.08 7.65 -10.31
N SER A 262 -24.58 7.95 -9.13
CA SER A 262 -24.99 9.33 -8.90
C SER A 262 -23.82 10.23 -9.25
N SER A 263 -24.12 11.46 -9.70
CA SER A 263 -23.07 12.41 -10.03
C SER A 263 -22.21 12.60 -8.79
N ASP A 264 -22.88 12.97 -7.69
CA ASP A 264 -22.25 13.09 -6.39
C ASP A 264 -21.31 11.92 -6.08
N LEU A 265 -21.59 10.74 -6.60
CA LEU A 265 -20.71 9.59 -6.37
C LEU A 265 -19.41 9.65 -7.19
N LYS A 266 -19.56 9.76 -8.50
CA LYS A 266 -18.43 9.76 -9.43
C LYS A 266 -17.43 10.83 -8.99
N ASP A 267 -17.97 11.96 -8.51
CA ASP A 267 -17.13 13.05 -8.01
C ASP A 267 -16.24 12.55 -6.90
N LEU A 268 -16.86 12.27 -5.75
CA LEU A 268 -16.15 11.69 -4.61
C LEU A 268 -15.09 10.67 -5.00
N LEU A 269 -15.47 9.71 -5.83
CA LEU A 269 -14.51 8.72 -6.29
C LEU A 269 -13.30 9.40 -6.92
N ARG A 270 -13.52 10.29 -7.87
CA ARG A 270 -12.41 10.97 -8.52
C ARG A 270 -11.45 11.59 -7.51
N ASN A 271 -11.95 11.90 -6.32
CA ASN A 271 -11.14 12.59 -5.31
C ASN A 271 -10.43 11.66 -4.37
N LEU A 272 -10.91 10.43 -4.31
CA LEU A 272 -10.25 9.42 -3.50
C LEU A 272 -9.25 8.73 -4.38
N LEU A 273 -9.61 8.50 -5.64
CA LEU A 273 -8.75 7.78 -6.58
C LEU A 273 -7.79 8.71 -7.29
N GLN A 274 -7.17 9.57 -6.49
CA GLN A 274 -6.27 10.58 -7.00
C GLN A 274 -4.82 10.10 -6.89
N VAL A 275 -4.13 9.98 -8.02
CA VAL A 275 -2.74 9.51 -7.97
C VAL A 275 -1.92 10.64 -7.37
N ASP A 276 -2.38 11.87 -7.67
CA ASP A 276 -1.69 13.09 -7.28
C ASP A 276 -1.99 13.39 -5.82
N LEU A 277 -1.00 13.15 -4.96
CA LEU A 277 -1.18 13.28 -3.52
C LEU A 277 -1.62 14.67 -3.14
N THR A 278 -1.20 15.65 -3.93
CA THR A 278 -1.59 17.05 -3.70
C THR A 278 -3.09 17.24 -3.92
N LYS A 279 -3.73 16.22 -4.49
CA LYS A 279 -5.15 16.28 -4.77
C LYS A 279 -5.99 15.21 -4.06
N ARG A 280 -5.38 14.16 -3.52
CA ARG A 280 -6.19 13.07 -3.00
C ARG A 280 -6.92 13.41 -1.71
N PHE A 281 -8.25 13.25 -1.73
CA PHE A 281 -9.06 13.46 -0.55
C PHE A 281 -8.56 12.68 0.64
N GLY A 282 -8.49 13.32 1.79
CA GLY A 282 -7.98 12.67 2.98
C GLY A 282 -6.59 13.19 3.32
N ASN A 283 -5.81 13.45 2.29
CA ASN A 283 -4.44 13.88 2.47
C ASN A 283 -4.28 15.39 2.46
N LEU A 284 -5.40 16.12 2.47
CA LEU A 284 -5.38 17.57 2.27
C LEU A 284 -5.44 18.40 3.55
N LYS A 285 -5.51 19.72 3.39
CA LYS A 285 -5.38 20.65 4.52
C LYS A 285 -6.40 20.42 5.62
N ASN A 286 -7.68 20.32 5.25
CA ASN A 286 -8.75 19.98 6.18
C ASN A 286 -8.86 18.49 6.47
N GLY A 287 -7.84 17.74 6.05
CA GLY A 287 -7.81 16.31 6.23
C GLY A 287 -9.13 15.64 5.91
N VAL A 288 -9.61 14.84 6.86
CA VAL A 288 -10.78 13.97 6.69
C VAL A 288 -12.14 14.68 6.53
N ASN A 289 -12.22 15.94 6.93
CA ASN A 289 -13.46 16.67 6.76
C ASN A 289 -13.83 16.82 5.29
N ASP A 290 -12.85 17.05 4.44
CA ASP A 290 -13.14 17.16 3.02
C ASP A 290 -14.00 15.98 2.64
N ILE A 291 -13.95 14.92 3.45
CA ILE A 291 -14.77 13.75 3.16
C ILE A 291 -16.13 13.81 3.83
N LYS A 292 -16.16 13.83 5.16
CA LYS A 292 -17.43 13.91 5.88
C LYS A 292 -18.33 15.02 5.33
N ASN A 293 -17.70 16.11 4.88
CA ASN A 293 -18.44 17.25 4.38
C ASN A 293 -18.74 17.17 2.91
N HIS A 294 -18.08 16.25 2.21
CA HIS A 294 -18.40 16.04 0.81
C HIS A 294 -19.89 15.79 0.65
N LYS A 295 -20.43 16.12 -0.52
CA LYS A 295 -21.88 16.13 -0.70
C LYS A 295 -22.55 14.77 -0.65
N TRP A 296 -21.80 13.75 -1.02
CA TRP A 296 -22.36 12.41 -1.02
C TRP A 296 -22.75 12.05 0.38
N PHE A 297 -21.98 12.54 1.35
CA PHE A 297 -22.19 12.18 2.75
C PHE A 297 -23.18 13.09 3.45
N ALA A 298 -23.87 13.90 2.66
CA ALA A 298 -24.87 14.84 3.15
C ALA A 298 -25.86 14.19 4.12
N THR A 299 -26.58 13.20 3.62
CA THR A 299 -27.58 12.49 4.40
C THR A 299 -27.00 11.74 5.61
N THR A 300 -25.70 11.86 5.83
CA THR A 300 -25.02 11.00 6.79
C THR A 300 -24.92 11.66 8.15
N ASP A 301 -25.43 10.95 9.14
CA ASP A 301 -25.44 11.46 10.50
C ASP A 301 -24.26 10.91 11.29
N TRP A 302 -23.09 11.52 11.11
CA TRP A 302 -21.86 10.97 11.65
C TRP A 302 -21.88 10.81 13.16
N ILE A 303 -22.59 11.70 13.84
CA ILE A 303 -22.70 11.59 15.28
C ILE A 303 -23.56 10.36 15.59
N ALA A 304 -24.55 10.14 14.73
CA ALA A 304 -25.57 9.10 14.93
C ALA A 304 -25.06 7.73 14.54
N ILE A 305 -24.39 7.70 13.39
CA ILE A 305 -23.71 6.50 12.93
C ILE A 305 -22.78 5.98 14.03
N TYR A 306 -21.90 6.84 14.52
CA TYR A 306 -21.02 6.48 15.62
C TYR A 306 -21.75 5.64 16.67
N GLN A 307 -22.86 6.19 17.19
CA GLN A 307 -23.57 5.56 18.30
C GLN A 307 -24.44 4.41 17.83
N ARG A 308 -24.53 4.23 16.52
CA ARG A 308 -25.36 3.18 15.96
C ARG A 308 -26.82 3.47 16.27
N LYS A 309 -27.19 4.74 16.17
CA LYS A 309 -28.59 5.12 16.28
C LYS A 309 -29.15 5.30 14.87
N VAL A 310 -28.47 4.69 13.91
CA VAL A 310 -28.98 4.61 12.55
C VAL A 310 -29.46 3.20 12.31
N GLU A 311 -30.34 3.02 11.33
CA GLU A 311 -30.90 1.71 11.07
C GLU A 311 -30.29 1.04 9.85
N ALA A 312 -29.88 -0.21 10.02
CA ALA A 312 -29.06 -0.90 9.02
C ALA A 312 -29.84 -1.42 7.81
N PRO A 313 -29.28 -1.19 6.62
CA PRO A 313 -29.93 -1.57 5.35
C PRO A 313 -30.57 -2.95 5.23
N PHE A 314 -29.75 -3.79 5.74
CA PHE A 314 -29.60 -5.21 5.72
C PHE A 314 -29.20 -5.62 7.15
N ILE A 315 -29.88 -6.66 7.59
CA ILE A 315 -29.66 -7.47 8.78
C ILE A 315 -29.30 -8.89 8.39
N PRO A 316 -28.12 -9.35 8.81
CA PRO A 316 -27.81 -10.76 8.58
C PRO A 316 -28.93 -11.66 9.12
N LYS A 317 -29.23 -12.75 8.44
CA LYS A 317 -30.22 -13.70 8.95
C LYS A 317 -29.48 -14.66 9.88
N PHE A 318 -29.65 -14.46 11.18
CA PHE A 318 -29.02 -15.33 12.15
C PHE A 318 -30.09 -16.19 12.79
N LYS A 319 -29.72 -17.40 13.20
CA LYS A 319 -30.68 -18.30 13.85
C LYS A 319 -30.34 -18.15 15.34
N GLY A 320 -29.61 -19.12 15.88
CA GLY A 320 -29.30 -19.11 17.29
C GLY A 320 -27.82 -19.01 17.57
N PRO A 321 -27.45 -18.77 18.83
CA PRO A 321 -26.05 -18.60 19.25
C PRO A 321 -25.14 -19.65 18.60
N GLY A 322 -24.16 -19.19 17.83
CA GLY A 322 -23.19 -20.09 17.25
C GLY A 322 -23.61 -20.66 15.90
N ASP A 323 -24.45 -19.91 15.19
CA ASP A 323 -24.86 -20.29 13.85
C ASP A 323 -23.80 -19.83 12.86
N THR A 324 -23.47 -20.68 11.90
CA THR A 324 -22.46 -20.29 10.94
C THR A 324 -23.01 -20.33 9.53
N SER A 325 -24.28 -19.98 9.40
CA SER A 325 -24.98 -20.14 8.12
C SER A 325 -24.43 -19.16 7.08
N ASN A 326 -23.89 -18.05 7.57
CA ASN A 326 -23.41 -17.03 6.66
C ASN A 326 -22.00 -17.26 6.12
N PHE A 327 -21.32 -18.31 6.62
CA PHE A 327 -19.94 -18.59 6.21
C PHE A 327 -19.81 -19.82 5.30
N ASP A 328 -18.83 -19.80 4.42
CA ASP A 328 -18.50 -20.96 3.61
C ASP A 328 -18.02 -22.12 4.46
N ASP A 329 -17.84 -23.28 3.84
CA ASP A 329 -17.43 -24.49 4.55
C ASP A 329 -16.08 -24.95 4.05
N TYR A 330 -15.22 -25.30 4.98
CA TYR A 330 -13.92 -25.86 4.61
C TYR A 330 -13.84 -27.24 5.20
N GLU A 331 -12.91 -28.05 4.70
CA GLU A 331 -12.69 -29.36 5.25
C GLU A 331 -11.82 -29.22 6.51
N GLU A 332 -12.31 -29.75 7.60
CA GLU A 332 -11.66 -29.60 8.88
C GLU A 332 -10.47 -30.50 8.99
N GLU A 333 -9.31 -29.90 9.30
CA GLU A 333 -8.15 -30.70 9.69
C GLU A 333 -8.12 -30.62 11.20
N GLU A 334 -7.33 -31.45 11.86
CA GLU A 334 -7.26 -31.37 13.32
C GLU A 334 -6.03 -30.58 13.72
N ILE A 335 -6.14 -29.79 14.78
CA ILE A 335 -5.01 -28.99 15.21
C ILE A 335 -3.96 -29.86 15.87
N ARG A 336 -2.79 -29.89 15.27
CA ARG A 336 -1.66 -30.59 15.87
C ARG A 336 -0.80 -29.58 16.59
N VAL A 337 -0.34 -29.97 17.77
CA VAL A 337 0.59 -29.15 18.54
C VAL A 337 1.82 -29.96 18.87
N SEP A 338 2.93 -29.67 18.19
CA SEP A 338 4.21 -30.37 18.44
CB SEP A 338 5.37 -29.64 17.77
OG SEP A 338 6.56 -30.35 17.99
C SEP A 338 4.54 -30.55 19.93
O SEP A 338 4.12 -29.73 20.79
P SEP A 338 6.68 -31.53 16.92
O1P SEP A 338 6.38 -31.06 15.40
O2P SEP A 338 8.18 -32.12 16.97
O3P SEP A 338 5.59 -32.63 17.36
N ILE A 339 5.25 -31.64 20.22
CA ILE A 339 5.66 -31.89 21.55
C ILE A 339 6.75 -30.89 21.88
N ASN A 340 7.34 -30.31 20.81
CA ASN A 340 8.39 -29.31 20.98
C ASN A 340 7.95 -27.88 20.66
N GLU A 341 8.15 -26.93 21.63
CA GLU A 341 8.05 -25.53 21.22
C GLU A 341 8.74 -25.32 19.86
N LYS A 342 8.19 -24.51 19.00
CA LYS A 342 8.87 -24.05 17.79
C LYS A 342 8.99 -22.52 17.81
N CYS A 343 10.01 -21.99 17.14
CA CYS A 343 10.16 -20.55 16.98
C CYS A 343 9.74 -19.77 18.24
N GLY A 344 10.13 -20.29 19.41
CA GLY A 344 9.78 -19.66 20.67
C GLY A 344 10.58 -18.38 20.93
N LYS A 345 11.85 -18.40 20.54
CA LYS A 345 12.66 -17.21 20.62
C LYS A 345 11.89 -16.07 19.96
N GLU A 346 11.53 -16.28 18.70
CA GLU A 346 10.94 -15.24 17.86
C GLU A 346 9.66 -14.61 18.42
N PHE A 347 8.74 -15.44 18.92
CA PHE A 347 7.45 -14.89 19.31
C PHE A 347 7.29 -14.59 20.79
N THR A 348 8.41 -14.34 21.47
CA THR A 348 8.39 -14.05 22.90
C THR A 348 7.63 -12.78 23.22
N GLU A 349 7.84 -11.75 22.39
CA GLU A 349 7.15 -10.48 22.61
C GLU A 349 5.62 -10.66 22.59
N PHE A 350 5.17 -11.83 22.14
CA PHE A 350 3.75 -12.10 21.89
C PHE A 350 2.85 -12.01 23.12
CA ILE B 104 -18.56 -18.08 -12.21
C ILE B 104 -17.68 -18.01 -10.95
N ASN B 105 -16.38 -17.83 -11.19
CA ASN B 105 -15.38 -17.62 -10.16
C ASN B 105 -15.20 -16.12 -9.86
N ARG B 106 -16.29 -15.35 -9.93
CA ARG B 106 -16.26 -14.01 -9.40
C ARG B 106 -16.34 -14.16 -7.88
N PHE B 107 -16.67 -15.38 -7.46
CA PHE B 107 -16.74 -15.75 -6.05
C PHE B 107 -15.42 -16.16 -5.44
N THR B 108 -14.32 -16.07 -6.20
CA THR B 108 -13.01 -16.40 -5.64
C THR B 108 -12.51 -15.20 -4.86
N ARG B 109 -11.98 -15.44 -3.66
CA ARG B 109 -11.51 -14.34 -2.85
C ARG B 109 -10.17 -13.84 -3.34
N ARG B 110 -9.89 -12.61 -2.95
CA ARG B 110 -8.68 -11.95 -3.35
C ARG B 110 -7.66 -12.02 -2.20
N ALA B 111 -6.68 -12.89 -2.38
CA ALA B 111 -5.72 -13.14 -1.34
C ALA B 111 -4.81 -11.94 -1.27
N SEP B 112 -4.30 -11.69 -0.06
CA SEP B 112 -3.35 -10.62 0.17
CB SEP B 112 -3.14 -10.44 1.67
OG SEP B 112 -2.72 -11.63 2.32
C SEP B 112 -2.03 -10.95 -0.49
O SEP B 112 -1.78 -12.10 -0.87
P SEP B 112 -3.59 -11.89 3.65
O1P SEP B 112 -5.15 -11.56 3.37
O2P SEP B 112 -3.25 -13.44 4.03
O3P SEP B 112 -3.24 -10.92 4.90
N VAL B 113 -1.19 -9.92 -0.63
CA VAL B 113 0.17 -10.07 -1.13
C VAL B 113 1.08 -9.22 -0.26
N CYS B 114 2.34 -9.63 -0.17
CA CYS B 114 3.27 -8.93 0.72
C CYS B 114 4.72 -9.26 0.40
N ALA B 115 5.57 -8.23 0.31
CA ALA B 115 6.97 -8.47 0.07
C ALA B 115 7.75 -8.45 1.37
N GLU B 116 9.02 -8.86 1.30
CA GLU B 116 9.89 -8.76 2.46
C GLU B 116 10.03 -7.28 2.77
N ALA B 117 10.15 -6.96 4.05
CA ALA B 117 10.28 -5.58 4.48
C ALA B 117 11.71 -5.06 4.33
N TYR B 118 11.87 -3.79 4.66
CA TYR B 118 13.17 -3.16 4.72
C TYR B 118 12.92 -1.73 5.11
N ASN B 119 13.48 -1.31 6.24
CA ASN B 119 13.53 0.11 6.50
C ASN B 119 14.97 0.60 6.42
N PRO B 120 15.19 1.65 5.62
CA PRO B 120 16.49 2.23 5.31
C PRO B 120 17.26 2.65 6.54
N ASP B 121 16.60 2.60 7.69
CA ASP B 121 17.22 3.00 8.94
C ASP B 121 17.46 1.81 9.86
N ARG B 130 26.77 -1.73 -3.34
CA ARG B 130 28.03 -2.44 -3.37
C ARG B 130 28.08 -3.43 -4.55
N ILE B 131 27.02 -4.23 -4.67
CA ILE B 131 26.91 -5.24 -5.73
C ILE B 131 27.02 -4.67 -7.16
N ILE B 132 28.09 -5.01 -7.89
CA ILE B 132 28.15 -4.63 -9.32
C ILE B 132 28.66 -5.74 -10.24
N HIS B 133 27.74 -6.28 -11.04
CA HIS B 133 28.09 -7.23 -12.09
C HIS B 133 28.38 -6.43 -13.33
N PRO B 134 29.49 -6.76 -14.01
CA PRO B 134 30.06 -6.06 -15.16
C PRO B 134 29.38 -6.40 -16.48
N LYS B 135 29.25 -5.42 -17.38
CA LYS B 135 28.70 -5.71 -18.71
C LYS B 135 29.08 -4.70 -19.78
N THR B 136 28.94 -5.09 -21.05
CA THR B 136 29.40 -4.23 -22.14
C THR B 136 28.57 -3.03 -22.57
N ASP B 137 29.25 -1.94 -22.95
CA ASP B 137 28.57 -0.68 -23.24
C ASP B 137 27.21 -0.92 -23.94
N ASP B 138 27.31 -1.69 -25.03
CA ASP B 138 26.14 -2.29 -25.67
C ASP B 138 25.16 -3.04 -24.78
N GLN B 139 25.56 -4.23 -24.35
CA GLN B 139 24.77 -4.98 -23.40
C GLN B 139 23.88 -4.04 -22.57
N ARG B 140 24.48 -3.01 -21.96
CA ARG B 140 23.71 -2.09 -21.13
C ARG B 140 22.55 -1.42 -21.88
N ASN B 141 22.85 -0.59 -22.87
CA ASN B 141 21.81 0.09 -23.65
C ASN B 141 20.67 -0.84 -24.04
N ARG B 142 21.03 -2.06 -24.41
CA ARG B 142 20.05 -3.02 -24.88
C ARG B 142 19.08 -3.40 -23.77
N LEU B 143 19.57 -3.95 -22.68
CA LEU B 143 18.76 -4.21 -21.50
C LEU B 143 17.96 -2.95 -21.11
N GLN B 144 18.64 -1.80 -21.02
CA GLN B 144 18.02 -0.56 -20.56
C GLN B 144 16.77 -0.25 -21.36
N GLU B 145 16.87 -0.32 -22.68
CA GLU B 145 15.73 -0.07 -23.56
C GLU B 145 14.77 -1.26 -23.61
N ALA B 146 15.19 -2.40 -23.06
CA ALA B 146 14.30 -3.54 -22.86
C ALA B 146 13.39 -3.37 -21.62
N CYS B 147 13.82 -2.52 -20.70
CA CYS B 147 13.14 -2.38 -19.42
C CYS B 147 12.27 -1.15 -19.36
N LYS B 148 12.65 -0.10 -20.07
CA LYS B 148 12.00 1.19 -19.88
C LYS B 148 10.47 1.19 -20.00
N ASP B 149 9.93 0.20 -20.72
CA ASP B 149 8.50 0.05 -20.95
C ASP B 149 7.81 -0.82 -19.89
N ILE B 150 8.59 -1.27 -18.91
CA ILE B 150 8.07 -2.15 -17.89
C ILE B 150 7.66 -1.32 -16.71
N LEU B 151 6.47 -1.61 -16.20
CA LEU B 151 5.87 -0.81 -15.13
C LEU B 151 6.86 -0.40 -14.04
N LEU B 152 7.58 -1.38 -13.50
CA LEU B 152 8.50 -1.07 -12.41
C LEU B 152 9.74 -0.29 -12.86
N PHE B 153 9.95 -0.19 -14.18
CA PHE B 153 11.06 0.58 -14.70
C PHE B 153 10.73 1.85 -15.48
N LYS B 154 9.49 2.00 -15.92
CA LYS B 154 9.11 3.16 -16.73
C LYS B 154 9.54 4.43 -15.99
N ASN B 155 9.69 4.32 -14.68
CA ASN B 155 9.76 5.49 -13.77
C ASN B 155 10.99 6.12 -13.23
N LEU B 156 11.93 5.24 -12.93
CA LEU B 156 12.99 5.46 -12.00
C LEU B 156 13.93 6.54 -12.51
N ASP B 157 14.49 7.37 -11.62
CA ASP B 157 15.44 8.32 -12.16
C ASP B 157 16.65 7.54 -12.63
N PRO B 158 17.32 8.06 -13.67
CA PRO B 158 18.33 7.39 -14.49
C PRO B 158 19.45 6.70 -13.70
N GLU B 159 19.48 6.94 -12.38
CA GLU B 159 20.52 6.40 -11.53
C GLU B 159 19.94 5.26 -10.73
N GLN B 160 18.74 5.46 -10.19
CA GLN B 160 17.96 4.34 -9.74
C GLN B 160 17.96 3.33 -10.87
N MET B 161 17.59 3.78 -12.07
CA MET B 161 17.73 2.93 -13.24
C MET B 161 19.14 2.35 -13.28
N SER B 162 20.14 3.21 -13.16
CA SER B 162 21.54 2.82 -13.30
C SER B 162 22.08 1.85 -12.22
N GLN B 163 21.65 2.00 -10.97
CA GLN B 163 22.09 1.11 -9.91
C GLN B 163 21.52 -0.27 -10.15
N VAL B 164 20.45 -0.30 -10.92
CA VAL B 164 19.72 -1.55 -11.10
C VAL B 164 20.29 -2.39 -12.24
N LEU B 165 20.72 -1.73 -13.32
CA LEU B 165 21.48 -2.42 -14.36
C LEU B 165 22.73 -3.01 -13.72
N ASP B 166 23.43 -2.18 -12.97
CA ASP B 166 24.50 -2.60 -12.11
C ASP B 166 24.22 -3.92 -11.41
N ALA B 167 23.01 -4.04 -10.87
CA ALA B 167 22.69 -5.10 -9.93
C ALA B 167 22.28 -6.37 -10.62
N MET B 168 21.92 -6.24 -11.90
CA MET B 168 21.47 -7.38 -12.70
C MET B 168 22.63 -8.28 -13.10
N PHE B 169 22.58 -9.51 -12.60
CA PHE B 169 23.64 -10.50 -12.78
C PHE B 169 23.53 -11.25 -14.10
N GLU B 170 24.65 -11.78 -14.58
CA GLU B 170 24.67 -12.59 -15.80
C GLU B 170 24.40 -14.05 -15.50
N LYS B 171 23.43 -14.63 -16.21
CA LYS B 171 23.23 -16.07 -16.22
C LYS B 171 23.23 -16.57 -17.66
N LEU B 172 24.07 -17.56 -17.94
CA LEU B 172 24.15 -18.12 -19.28
C LEU B 172 23.76 -19.57 -19.19
N VAL B 173 23.26 -20.13 -20.29
CA VAL B 173 22.69 -21.46 -20.18
C VAL B 173 23.09 -22.38 -21.30
N LYS B 174 23.31 -23.63 -20.92
CA LYS B 174 23.50 -24.74 -21.83
C LYS B 174 22.14 -25.08 -22.45
N GLU B 175 22.15 -25.49 -23.72
CA GLU B 175 20.92 -25.87 -24.40
C GLU B 175 20.12 -26.89 -23.59
N GLY B 176 18.80 -26.85 -23.70
CA GLY B 176 17.95 -27.79 -23.00
C GLY B 176 17.97 -27.59 -21.49
N GLU B 177 18.77 -26.63 -21.04
CA GLU B 177 18.78 -26.28 -19.64
C GLU B 177 17.47 -25.61 -19.27
N HIS B 178 16.93 -25.97 -18.12
CA HIS B 178 15.72 -25.30 -17.65
C HIS B 178 16.01 -23.94 -17.02
N VAL B 179 15.98 -22.91 -17.87
CA VAL B 179 16.17 -21.53 -17.44
C VAL B 179 15.35 -21.21 -16.21
N ILE B 180 14.05 -21.53 -16.27
CA ILE B 180 13.21 -21.55 -15.08
C ILE B 180 12.16 -22.62 -15.26
N ASP B 181 11.69 -23.19 -14.16
CA ASP B 181 10.69 -24.26 -14.23
C ASP B 181 9.34 -23.79 -13.72
N GLN B 182 8.27 -24.16 -14.43
CA GLN B 182 6.92 -23.83 -14.01
C GLN B 182 6.69 -24.32 -12.59
N GLY B 183 6.04 -23.51 -11.76
CA GLY B 183 5.84 -23.88 -10.37
C GLY B 183 7.05 -23.56 -9.53
N ASP B 184 8.24 -23.83 -10.06
CA ASP B 184 9.51 -23.40 -9.47
C ASP B 184 9.54 -21.88 -9.33
N ASP B 185 10.17 -21.41 -8.26
CA ASP B 185 9.88 -20.06 -7.75
C ASP B 185 10.33 -18.82 -8.51
N GLY B 186 9.94 -17.69 -7.92
CA GLY B 186 10.09 -16.40 -8.52
C GLY B 186 10.30 -15.30 -7.51
N ASP B 187 11.60 -14.87 -7.49
CA ASP B 187 11.94 -13.61 -6.85
C ASP B 187 12.96 -13.03 -7.82
N ASN B 188 12.92 -13.65 -9.00
CA ASN B 188 13.84 -13.39 -10.10
C ASN B 188 13.10 -13.06 -11.39
N PHE B 189 13.50 -11.94 -11.95
CA PHE B 189 13.02 -11.45 -13.22
C PHE B 189 14.19 -11.56 -14.20
N TYR B 190 13.92 -11.90 -15.47
CA TYR B 190 14.99 -12.19 -16.44
C TYR B 190 14.73 -11.50 -17.77
N VAL B 191 15.69 -10.74 -18.25
CA VAL B 191 15.64 -10.34 -19.65
C VAL B 191 16.71 -11.07 -20.48
N ILE B 192 16.27 -11.52 -21.66
CA ILE B 192 17.11 -12.27 -22.59
C ILE B 192 18.13 -11.35 -23.19
N ASP B 193 19.39 -11.80 -23.23
CA ASP B 193 20.46 -11.10 -23.90
C ASP B 193 20.65 -11.79 -25.24
N ARG B 194 20.89 -13.08 -25.16
CA ARG B 194 21.26 -13.92 -26.28
C ARG B 194 20.61 -15.29 -26.10
N GLY B 195 20.30 -15.98 -27.20
CA GLY B 195 19.70 -17.31 -27.12
C GLY B 195 18.35 -17.44 -27.74
N THR B 196 17.90 -18.68 -27.87
CA THR B 196 16.50 -18.89 -28.22
C THR B 196 15.84 -19.81 -27.20
N PHE B 197 14.51 -19.75 -27.13
CA PHE B 197 13.80 -20.39 -26.03
C PHE B 197 12.42 -20.94 -26.36
N ASP B 198 12.11 -22.11 -25.82
CA ASP B 198 10.76 -22.62 -25.89
C ASP B 198 10.01 -22.38 -24.57
N ILE B 199 8.71 -22.13 -24.68
CA ILE B 199 7.87 -21.98 -23.51
C ILE B 199 6.81 -23.07 -23.51
N TYR B 200 6.72 -23.84 -22.44
CA TYR B 200 5.58 -24.72 -22.32
C TYR B 200 5.13 -24.88 -20.89
N VAL B 201 3.81 -25.01 -20.76
CA VAL B 201 3.09 -25.12 -19.49
C VAL B 201 2.31 -26.43 -19.43
N LYS B 202 2.38 -27.12 -18.29
CA LYS B 202 1.62 -28.34 -18.07
C LYS B 202 0.35 -28.05 -17.26
N CYS B 203 -0.75 -27.76 -17.97
CA CYS B 203 -1.95 -27.35 -17.28
C CYS B 203 -2.61 -28.50 -16.51
N ASP B 204 -2.48 -29.73 -16.98
CA ASP B 204 -2.88 -30.88 -16.19
C ASP B 204 -1.87 -31.98 -15.79
N GLY B 205 -1.73 -33.07 -16.55
CA GLY B 205 -2.55 -33.42 -17.70
C GLY B 205 -1.79 -33.30 -19.02
N VAL B 206 -2.27 -32.39 -19.86
CA VAL B 206 -1.64 -32.10 -21.13
C VAL B 206 -0.38 -31.29 -20.89
N GLY B 207 0.62 -31.46 -21.74
CA GLY B 207 1.91 -30.79 -21.72
C GLY B 207 2.07 -30.29 -23.14
N ARG B 208 2.16 -28.97 -23.26
CA ARG B 208 1.93 -28.26 -24.50
C ARG B 208 3.03 -27.23 -24.71
N CYS B 209 3.67 -27.25 -25.89
CA CYS B 209 4.63 -26.17 -26.19
C CYS B 209 3.60 -24.94 -26.31
N VAL B 210 3.90 -23.69 -25.87
CA VAL B 210 2.99 -22.58 -26.10
C VAL B 210 3.79 -21.79 -27.12
N GLY B 211 4.63 -20.88 -26.65
CA GLY B 211 5.29 -19.92 -27.52
C GLY B 211 6.81 -19.89 -27.51
N ASN B 212 7.35 -18.84 -28.13
CA ASN B 212 8.77 -18.74 -28.44
C ASN B 212 9.42 -17.54 -27.79
N TYR B 213 10.75 -17.54 -27.83
CA TYR B 213 11.54 -16.36 -27.55
C TYR B 213 12.76 -16.46 -28.44
N ASP B 214 12.96 -15.46 -29.29
CA ASP B 214 14.07 -15.47 -30.23
C ASP B 214 15.06 -14.34 -29.97
N ASN B 215 16.04 -14.60 -29.10
CA ASN B 215 17.05 -13.60 -28.78
C ASN B 215 16.51 -12.27 -28.30
N ARG B 216 15.25 -12.24 -27.89
CA ARG B 216 14.71 -11.05 -27.22
C ARG B 216 13.53 -11.42 -26.34
N GLY B 217 13.12 -10.47 -25.49
CA GLY B 217 12.05 -10.68 -24.54
C GLY B 217 12.49 -10.87 -23.09
N SER B 218 11.57 -10.58 -22.17
CA SER B 218 11.80 -10.82 -20.76
C SER B 218 10.58 -11.47 -20.09
N PHE B 219 10.72 -11.78 -18.81
CA PHE B 219 9.67 -12.48 -18.11
C PHE B 219 9.87 -12.55 -16.61
N GLY B 220 8.77 -12.41 -15.88
CA GLY B 220 8.80 -12.70 -14.47
C GLY B 220 8.93 -11.48 -13.62
N GLU B 221 8.55 -10.31 -14.12
CA GLU B 221 8.74 -9.10 -13.32
C GLU B 221 7.84 -8.98 -12.10
N LEU B 222 6.66 -9.58 -12.17
CA LEU B 222 5.81 -9.58 -11.00
C LEU B 222 6.60 -10.09 -9.78
N ALA B 223 7.54 -10.98 -10.05
CA ALA B 223 8.37 -11.54 -8.99
C ALA B 223 9.12 -10.42 -8.28
N LEU B 224 9.21 -9.27 -8.93
CA LEU B 224 9.90 -8.14 -8.35
C LEU B 224 9.06 -7.45 -7.31
N MET B 225 7.79 -7.83 -7.21
CA MET B 225 6.89 -7.18 -6.26
C MET B 225 6.67 -8.05 -5.05
N TYR B 226 6.20 -9.26 -5.28
CA TYR B 226 6.03 -10.22 -4.21
C TYR B 226 6.27 -11.56 -4.85
N ASN B 227 6.40 -12.61 -4.04
CA ASN B 227 6.64 -13.92 -4.60
C ASN B 227 5.48 -14.37 -5.49
N THR B 228 5.82 -14.81 -6.71
CA THR B 228 4.85 -15.44 -7.61
C THR B 228 5.50 -16.47 -8.52
N PRO B 229 5.18 -17.74 -8.26
CA PRO B 229 5.78 -18.93 -8.89
C PRO B 229 5.56 -18.90 -10.39
N LYS B 230 6.65 -18.85 -11.15
CA LYS B 230 6.59 -18.90 -12.60
C LYS B 230 5.47 -19.81 -13.11
N ALA B 231 4.82 -19.38 -14.19
CA ALA B 231 3.67 -20.10 -14.70
C ALA B 231 4.05 -21.09 -15.80
N ALA B 232 5.18 -20.82 -16.45
CA ALA B 232 5.66 -21.71 -17.50
C ALA B 232 7.08 -22.11 -17.20
N THR B 233 7.54 -23.16 -17.88
CA THR B 233 8.92 -23.57 -17.78
C THR B 233 9.63 -23.03 -19.00
N ILE B 234 10.75 -22.33 -18.80
CA ILE B 234 11.50 -21.87 -19.95
C ILE B 234 12.71 -22.76 -20.25
N THR B 235 12.70 -23.36 -21.44
CA THR B 235 13.73 -24.29 -21.86
C THR B 235 14.59 -23.66 -22.94
N ALA B 236 15.91 -23.75 -22.76
CA ALA B 236 16.86 -23.19 -23.71
C ALA B 236 17.01 -24.08 -24.93
N THR B 237 16.61 -23.57 -26.08
CA THR B 237 16.73 -24.32 -27.33
C THR B 237 18.21 -24.49 -27.68
N SER B 238 19.02 -23.48 -27.39
CA SER B 238 20.44 -23.48 -27.72
C SER B 238 21.22 -22.50 -26.83
N PRO B 239 22.53 -22.38 -27.08
CA PRO B 239 23.41 -21.59 -26.21
C PRO B 239 22.87 -20.18 -26.06
N GLY B 240 22.67 -19.73 -24.83
CA GLY B 240 22.17 -18.39 -24.57
C GLY B 240 22.58 -17.88 -23.21
N ALA B 241 22.47 -16.58 -23.04
CA ALA B 241 22.67 -15.99 -21.71
C ALA B 241 21.64 -14.89 -21.42
N LEU B 242 21.37 -14.57 -20.14
CA LEU B 242 20.24 -13.68 -19.75
C LEU B 242 20.59 -12.76 -18.56
N TRP B 243 19.74 -11.82 -18.15
CA TRP B 243 20.11 -11.04 -16.97
C TRP B 243 19.11 -11.23 -15.83
N GLY B 244 19.53 -11.82 -14.71
CA GLY B 244 18.54 -11.96 -13.66
C GLY B 244 18.50 -10.73 -12.77
N LEU B 245 17.49 -10.67 -11.91
CA LEU B 245 17.42 -9.67 -10.85
C LEU B 245 16.50 -10.19 -9.78
N ASP B 246 17.06 -10.50 -8.61
CA ASP B 246 16.31 -10.96 -7.44
C ASP B 246 15.41 -9.83 -6.94
N ARG B 247 14.31 -10.16 -6.26
CA ARG B 247 13.37 -9.14 -5.82
C ARG B 247 13.96 -8.33 -4.69
N VAL B 248 14.42 -9.02 -3.67
CA VAL B 248 14.97 -8.37 -2.48
C VAL B 248 16.11 -7.41 -2.86
N THR B 249 17.03 -7.84 -3.70
CA THR B 249 18.11 -6.97 -4.09
C THR B 249 17.50 -5.72 -4.70
N PHE B 250 16.41 -5.88 -5.42
CA PHE B 250 15.82 -4.77 -6.16
C PHE B 250 15.04 -3.79 -5.30
N ARG B 251 14.13 -4.30 -4.47
CA ARG B 251 13.39 -3.48 -3.51
C ARG B 251 14.35 -2.62 -2.74
N ARG B 252 15.48 -3.22 -2.36
CA ARG B 252 16.50 -2.56 -1.57
C ARG B 252 17.04 -1.36 -2.35
N ILE B 253 17.54 -1.58 -3.56
CA ILE B 253 18.10 -0.49 -4.35
C ILE B 253 17.11 0.65 -4.45
N ILE B 254 15.87 0.31 -4.79
CA ILE B 254 14.83 1.30 -5.03
C ILE B 254 14.38 2.03 -3.77
N VAL B 255 14.37 1.32 -2.65
CA VAL B 255 13.93 1.93 -1.41
C VAL B 255 15.03 2.74 -0.75
N LYS B 256 16.19 2.14 -0.50
CA LYS B 256 17.38 2.89 -0.06
C LYS B 256 17.49 4.24 -0.78
N ASN B 257 17.30 4.23 -2.09
CA ASN B 257 17.35 5.43 -2.92
C ASN B 257 16.32 6.52 -2.56
N ASN B 258 15.03 6.28 -2.83
CA ASN B 258 13.98 7.23 -2.42
C ASN B 258 14.12 7.62 -0.97
N ALA B 259 14.36 6.67 -0.09
CA ALA B 259 14.62 7.00 1.28
C ALA B 259 15.72 8.05 1.33
N LYS B 260 16.87 7.78 0.72
CA LYS B 260 17.94 8.77 0.72
C LYS B 260 17.53 10.01 -0.05
N LYS B 261 17.18 9.77 -1.31
CA LYS B 261 16.81 10.85 -2.22
C LYS B 261 15.46 11.45 -1.90
N ARG B 262 14.94 11.14 -0.72
CA ARG B 262 13.83 11.88 -0.20
C ARG B 262 14.20 12.68 1.06
N LYS B 263 14.14 12.10 2.27
CA LYS B 263 14.70 12.71 3.48
C LYS B 263 16.15 12.23 3.52
N MET B 264 17.14 13.09 3.28
CA MET B 264 16.99 14.54 3.27
C MET B 264 17.15 15.24 1.95
N TYR B 265 16.03 15.40 1.28
CA TYR B 265 15.86 16.42 0.28
C TYR B 265 16.00 17.68 1.10
N GLU B 266 15.85 17.49 2.43
CA GLU B 266 15.11 18.28 3.44
C GLU B 266 15.62 19.48 4.21
N SER B 267 16.88 19.36 4.52
CA SER B 267 17.82 20.39 4.73
C SER B 267 17.50 21.43 3.68
N PHE B 268 16.87 20.96 2.62
CA PHE B 268 16.25 21.80 1.60
C PHE B 268 14.94 22.45 2.03
N ILE B 269 13.83 21.72 1.95
CA ILE B 269 12.55 22.27 2.38
C ILE B 269 12.64 23.06 3.69
N GLU B 270 13.32 22.49 4.67
CA GLU B 270 13.37 23.12 5.97
C GLU B 270 14.47 24.16 6.09
N SER B 271 15.16 24.41 4.97
CA SER B 271 16.18 25.45 4.94
C SER B 271 15.56 26.73 4.43
N LEU B 272 14.25 26.73 4.28
CA LEU B 272 13.55 27.93 3.80
C LEU B 272 13.01 28.76 4.95
N PRO B 273 13.38 30.05 4.96
CA PRO B 273 13.04 30.93 6.06
C PRO B 273 11.53 31.11 6.12
N PHE B 274 10.90 30.93 4.95
CA PHE B 274 9.45 30.97 4.82
C PHE B 274 8.76 29.76 5.45
N LEU B 275 9.51 28.70 5.69
CA LEU B 275 8.91 27.43 6.10
C LEU B 275 9.32 26.92 7.48
N LYS B 276 10.26 27.59 8.13
CA LYS B 276 10.69 27.20 9.46
C LYS B 276 9.56 26.85 10.43
N SER B 277 8.41 27.50 10.27
CA SER B 277 7.33 27.34 11.25
C SER B 277 6.41 26.18 10.95
N LEU B 278 6.85 25.28 10.07
CA LEU B 278 6.12 24.05 9.78
C LEU B 278 6.36 23.04 10.87
N GLU B 279 5.39 22.15 11.05
CA GLU B 279 5.57 20.94 11.84
C GLU B 279 6.09 19.81 10.93
N VAL B 280 6.76 18.83 11.52
CA VAL B 280 7.44 17.81 10.71
C VAL B 280 6.55 17.06 9.70
N SER B 281 5.37 16.61 10.14
CA SER B 281 4.46 15.85 9.27
C SER B 281 4.13 16.66 8.03
N GLU B 282 3.99 17.97 8.22
CA GLU B 282 3.62 18.86 7.14
C GLU B 282 4.74 18.91 6.12
N ARG B 283 5.96 19.02 6.62
CA ARG B 283 7.13 19.00 5.76
C ARG B 283 7.17 17.67 4.98
N LEU B 284 6.93 16.56 5.67
CA LEU B 284 6.90 15.25 5.02
C LEU B 284 5.88 15.25 3.88
N LYS B 285 4.68 15.73 4.17
CA LYS B 285 3.65 15.91 3.15
C LYS B 285 4.22 16.55 1.89
N VAL B 286 5.06 17.56 2.06
CA VAL B 286 5.65 18.25 0.92
C VAL B 286 6.71 17.39 0.24
N VAL B 287 7.44 16.62 1.02
CA VAL B 287 8.46 15.73 0.46
C VAL B 287 7.84 14.70 -0.47
N ASP B 288 6.70 14.15 -0.05
CA ASP B 288 5.95 13.20 -0.86
C ASP B 288 5.79 13.60 -2.31
N VAL B 289 5.59 14.89 -2.56
CA VAL B 289 5.10 15.32 -3.87
C VAL B 289 6.00 16.26 -4.65
N ILE B 290 6.99 16.87 -4.00
CA ILE B 290 7.88 17.79 -4.69
C ILE B 290 8.50 17.09 -5.89
N GLY B 291 8.55 17.81 -7.00
CA GLY B 291 9.01 17.20 -8.24
C GLY B 291 10.41 17.57 -8.61
N THR B 292 10.85 17.06 -9.76
CA THR B 292 12.21 17.24 -10.24
C THR B 292 12.20 17.90 -11.62
N LYS B 293 13.25 18.68 -11.91
CA LYS B 293 13.50 19.23 -13.24
C LYS B 293 14.99 19.35 -13.50
N VAL B 294 15.45 18.71 -14.57
CA VAL B 294 16.83 18.86 -15.02
C VAL B 294 16.90 19.98 -16.07
N TYR B 295 17.84 20.90 -15.89
CA TYR B 295 17.97 21.98 -16.85
C TYR B 295 19.37 21.92 -17.41
N ASN B 296 19.48 22.32 -18.68
CA ASN B 296 20.73 22.24 -19.41
C ASN B 296 21.34 23.62 -19.62
N ASP B 297 22.66 23.70 -19.62
CA ASP B 297 23.34 25.00 -19.72
C ASP B 297 22.62 25.95 -20.68
N GLY B 298 22.13 27.05 -20.14
CA GLY B 298 21.59 28.09 -20.99
C GLY B 298 20.10 28.05 -21.10
N GLU B 299 19.49 26.93 -20.71
CA GLU B 299 18.05 26.82 -20.72
C GLU B 299 17.45 27.66 -19.60
N GLN B 300 16.47 28.49 -19.95
CA GLN B 300 15.87 29.41 -18.98
C GLN B 300 14.92 28.71 -18.02
N ILE B 301 15.12 28.93 -16.72
CA ILE B 301 14.24 28.40 -15.69
C ILE B 301 13.04 29.32 -15.46
N ILE B 302 13.32 30.51 -14.90
CA ILE B 302 12.26 31.46 -14.56
C ILE B 302 12.33 32.73 -15.44
N ALA B 303 11.16 33.23 -15.86
CA ALA B 303 11.08 34.40 -16.74
C ALA B 303 10.68 35.65 -15.97
N GLN B 304 11.19 36.78 -16.45
CA GLN B 304 11.04 38.07 -15.78
C GLN B 304 9.71 38.68 -16.26
N GLY B 305 8.61 38.22 -15.66
CA GLY B 305 7.30 38.75 -15.99
C GLY B 305 6.23 37.69 -15.91
N ASP B 306 6.64 36.44 -15.79
CA ASP B 306 5.71 35.31 -15.76
C ASP B 306 4.97 35.18 -14.44
N LEU B 307 3.73 34.68 -14.50
CA LEU B 307 2.96 34.45 -13.28
C LEU B 307 3.74 33.49 -12.38
N ALA B 308 4.31 34.02 -11.29
CA ALA B 308 5.09 33.22 -10.34
C ALA B 308 4.26 32.13 -9.66
N ASP B 309 4.59 30.87 -9.95
CA ASP B 309 3.73 29.76 -9.52
C ASP B 309 4.41 28.67 -8.71
N SER B 310 5.71 28.79 -8.52
CA SER B 310 6.45 27.74 -7.85
C SER B 310 7.82 28.19 -7.39
N PHE B 311 8.34 27.55 -6.36
CA PHE B 311 9.68 27.85 -5.89
C PHE B 311 10.61 26.67 -6.17
N PHE B 312 11.90 26.95 -6.34
CA PHE B 312 12.82 25.92 -6.77
C PHE B 312 13.94 25.75 -5.77
N ILE B 313 14.59 24.59 -5.82
CA ILE B 313 15.81 24.39 -5.07
C ILE B 313 16.83 23.62 -5.90
N VAL B 314 17.97 24.25 -6.15
CA VAL B 314 18.99 23.63 -6.97
C VAL B 314 19.44 22.35 -6.27
N GLU B 315 19.26 21.23 -6.95
CA GLU B 315 19.72 19.94 -6.44
C GLU B 315 21.18 19.77 -6.79
N SER B 316 21.54 20.27 -7.97
CA SER B 316 22.93 20.28 -8.40
C SER B 316 23.10 21.17 -9.64
N GLY B 317 24.34 21.55 -9.93
CA GLY B 317 24.60 22.54 -10.95
C GLY B 317 24.48 23.91 -10.32
N GLU B 318 24.41 24.99 -11.13
CA GLU B 318 23.95 26.23 -10.54
C GLU B 318 23.07 27.03 -11.50
N VAL B 319 22.11 27.71 -10.88
CA VAL B 319 21.26 28.73 -11.48
C VAL B 319 21.83 30.17 -11.36
N LYS B 320 21.34 31.06 -12.21
CA LYS B 320 21.82 32.42 -12.28
C LYS B 320 20.61 33.32 -12.45
N ILE B 321 20.29 34.08 -11.40
CA ILE B 321 19.21 35.05 -11.47
C ILE B 321 19.73 36.38 -11.98
N THR B 322 18.95 37.01 -12.86
CA THR B 322 19.38 38.24 -13.52
C THR B 322 18.20 39.16 -13.80
N MET B 323 18.44 40.46 -13.67
CA MET B 323 17.41 41.46 -13.95
C MET B 323 17.88 42.44 -15.04
N LYS B 324 17.12 42.53 -16.12
CA LYS B 324 17.39 43.49 -17.21
C LYS B 324 16.24 44.48 -17.34
N VAL B 337 22.79 41.88 -16.28
CA VAL B 337 23.38 42.22 -14.98
C VAL B 337 22.90 41.28 -13.84
N GLU B 338 23.82 40.43 -13.39
CA GLU B 338 23.54 39.35 -12.44
C GLU B 338 23.32 39.80 -10.98
N ILE B 339 22.08 39.66 -10.52
CA ILE B 339 21.74 39.96 -9.13
C ILE B 339 22.18 38.85 -8.16
N ALA B 340 21.95 37.59 -8.52
CA ALA B 340 22.30 36.47 -7.64
C ALA B 340 22.66 35.20 -8.39
N ARG B 341 23.33 34.29 -7.70
CA ARG B 341 23.68 32.99 -8.28
C ARG B 341 23.42 31.91 -7.25
N CYS B 342 22.70 30.87 -7.66
CA CYS B 342 22.36 29.81 -6.73
C CYS B 342 23.10 28.52 -7.03
N PHE B 343 23.56 27.86 -5.96
CA PHE B 343 24.23 26.58 -6.08
C PHE B 343 23.34 25.55 -5.42
N ARG B 344 23.85 24.32 -5.32
CA ARG B 344 23.12 23.27 -4.61
C ARG B 344 22.69 23.74 -3.20
N GLY B 345 21.47 23.39 -2.80
CA GLY B 345 20.96 23.65 -1.47
C GLY B 345 20.03 24.83 -1.43
N GLN B 346 20.29 25.81 -2.30
CA GLN B 346 19.57 27.07 -2.21
C GLN B 346 18.34 27.10 -3.05
N TYR B 347 17.39 27.94 -2.62
CA TYR B 347 16.09 28.07 -3.23
C TYR B 347 16.02 29.35 -4.00
N PHE B 348 14.85 29.61 -4.57
CA PHE B 348 14.62 30.85 -5.28
C PHE B 348 13.26 30.81 -5.95
N GLY B 349 12.80 31.98 -6.39
CA GLY B 349 11.44 32.14 -6.85
C GLY B 349 10.51 31.93 -5.68
N GLU B 350 11.01 32.22 -4.48
CA GLU B 350 10.29 31.86 -3.27
C GLU B 350 9.11 32.80 -2.98
N LEU B 351 9.23 34.06 -3.39
CA LEU B 351 8.14 35.02 -3.20
C LEU B 351 6.84 34.43 -3.75
N ALA B 352 6.97 33.48 -4.66
CA ALA B 352 5.82 32.89 -5.31
C ALA B 352 4.86 32.31 -4.29
N LEU B 353 5.36 32.08 -3.08
CA LEU B 353 4.55 31.51 -2.02
C LEU B 353 3.61 32.54 -1.41
N VAL B 354 4.11 33.76 -1.24
CA VAL B 354 3.36 34.83 -0.58
C VAL B 354 2.68 35.77 -1.58
N THR B 355 3.32 36.01 -2.72
CA THR B 355 2.74 36.89 -3.72
C THR B 355 2.78 36.26 -5.12
N ASN B 356 1.61 36.21 -5.79
CA ASN B 356 1.52 35.68 -7.15
C ASN B 356 2.01 36.68 -8.20
N LYS B 357 2.00 37.95 -7.83
CA LYS B 357 2.36 39.04 -8.76
C LYS B 357 3.56 38.54 -9.53
N PRO B 358 3.63 38.91 -10.83
CA PRO B 358 4.63 38.62 -11.86
C PRO B 358 6.11 38.67 -11.47
N ARG B 359 6.84 37.71 -12.04
CA ARG B 359 8.26 37.48 -11.75
C ARG B 359 9.28 38.60 -11.60
N ALA B 360 9.76 38.73 -10.37
CA ALA B 360 10.84 39.65 -10.05
C ALA B 360 11.86 39.68 -11.18
N ALA B 361 12.41 38.51 -11.52
CA ALA B 361 13.50 38.42 -12.47
C ALA B 361 13.47 37.14 -13.30
N SER B 362 14.65 36.67 -13.72
CA SER B 362 14.79 35.47 -14.55
C SER B 362 15.88 34.53 -14.04
N ALA B 363 15.71 33.24 -14.27
CA ALA B 363 16.69 32.24 -13.86
C ALA B 363 17.19 31.45 -15.06
N HIS B 364 18.49 31.21 -15.10
CA HIS B 364 19.10 30.43 -16.19
C HIS B 364 20.11 29.39 -15.70
N ALA B 365 20.26 28.33 -16.48
CA ALA B 365 21.08 27.20 -16.05
C ALA B 365 22.56 27.34 -16.39
N ILE B 366 23.41 27.43 -15.36
CA ILE B 366 24.85 27.41 -15.58
C ILE B 366 25.39 25.98 -15.52
N GLY B 367 25.57 25.40 -16.69
CA GLY B 367 25.95 24.00 -16.80
C GLY B 367 24.72 23.13 -16.77
N THR B 368 24.86 21.93 -16.20
CA THR B 368 23.72 21.02 -16.11
C THR B 368 23.17 21.06 -14.70
N VAL B 369 21.95 21.60 -14.56
CA VAL B 369 21.34 21.84 -13.26
C VAL B 369 20.08 21.01 -13.03
N LYS B 370 19.94 20.50 -11.82
CA LYS B 370 18.76 19.76 -11.43
C LYS B 370 18.12 20.50 -10.26
N CYS B 371 16.81 20.74 -10.36
CA CYS B 371 16.07 21.47 -9.32
C CYS B 371 14.83 20.75 -8.80
N LEU B 372 14.46 21.07 -7.56
CA LEU B 372 13.18 20.64 -7.02
C LEU B 372 12.17 21.70 -7.42
N ALA B 373 10.94 21.28 -7.73
CA ALA B 373 9.90 22.20 -8.19
C ALA B 373 8.58 21.96 -7.50
N MET B 374 8.10 22.97 -6.78
CA MET B 374 6.84 22.85 -6.04
C MET B 374 5.78 23.87 -6.49
N ASP B 375 4.84 23.44 -7.32
CA ASP B 375 3.73 24.34 -7.69
C ASP B 375 2.99 24.72 -6.43
N VAL B 376 2.65 25.99 -6.30
CA VAL B 376 2.14 26.50 -5.03
C VAL B 376 0.66 26.17 -4.79
N GLN B 377 -0.17 26.24 -5.83
CA GLN B 377 -1.58 25.89 -5.66
C GLN B 377 -1.60 24.54 -4.96
N ALA B 378 -0.88 23.59 -5.55
CA ALA B 378 -0.65 22.29 -4.93
C ALA B 378 -0.32 22.50 -3.46
N PHE B 379 0.82 23.12 -3.18
CA PHE B 379 1.21 23.40 -1.80
C PHE B 379 0.06 23.77 -0.86
N GLU B 380 -0.70 24.78 -1.26
CA GLU B 380 -1.72 25.33 -0.40
C GLU B 380 -2.85 24.36 -0.13
N ARG B 381 -3.13 23.49 -1.10
CA ARG B 381 -4.15 22.46 -0.95
C ARG B 381 -3.84 21.58 0.24
N LEU B 382 -2.54 21.40 0.49
CA LEU B 382 -2.04 20.50 1.51
C LEU B 382 -1.92 21.13 2.88
N LEU B 383 -1.53 22.40 2.90
CA LEU B 383 -1.08 23.06 4.12
C LEU B 383 -1.75 24.41 4.34
N GLY B 384 -2.52 24.84 3.34
CA GLY B 384 -3.13 26.15 3.36
C GLY B 384 -2.17 27.18 2.79
N PRO B 385 -2.49 28.47 2.93
CA PRO B 385 -1.67 29.58 2.48
C PRO B 385 -0.40 29.68 3.30
N CYS B 386 0.71 29.88 2.61
CA CYS B 386 2.00 29.87 3.26
C CYS B 386 2.04 30.86 4.42
N MET B 387 1.49 32.05 4.21
CA MET B 387 1.55 33.10 5.22
C MET B 387 0.87 32.71 6.54
N GLU B 388 -0.25 32.02 6.44
CA GLU B 388 -0.94 31.47 7.60
C GLU B 388 0.00 30.69 8.47
N ILE B 389 1.05 30.16 7.83
CA ILE B 389 2.03 29.36 8.51
C ILE B 389 3.07 30.23 9.19
N MET B 390 3.46 31.32 8.53
CA MET B 390 4.53 32.16 9.09
C MET B 390 4.02 32.79 10.38
N LYS B 391 2.76 33.21 10.33
CA LYS B 391 2.06 33.79 11.45
C LYS B 391 2.01 32.87 12.71
N ARG B 392 2.19 31.56 12.51
CA ARG B 392 2.15 30.58 13.61
C ARG B 392 3.03 31.09 14.76
N ASN B 393 4.34 31.02 14.57
CA ASN B 393 5.28 31.59 15.55
C ASN B 393 6.38 32.40 14.87
MG MG C . -7.64 -11.15 5.17
MG MG D . -3.93 -11.02 7.06
PB ADP E . -6.07 -13.89 6.67
O1B ADP E . -4.81 -14.47 7.28
O2B ADP E . -5.92 -12.41 6.40
O3B ADP E . -6.68 -14.64 5.48
PA ADP E . -8.26 -13.01 8.33
O1A ADP E . -7.96 -12.39 9.66
O2A ADP E . -8.63 -12.10 7.16
O3A ADP E . -7.12 -14.06 7.90
O5' ADP E . -9.51 -13.99 8.54
C5' ADP E . -9.94 -14.80 7.45
C4' ADP E . -11.42 -15.10 7.51
O4' ADP E . -11.80 -15.61 8.79
C3' ADP E . -12.29 -13.87 7.31
O3' ADP E . -12.59 -13.63 5.92
C2' ADP E . -13.57 -14.20 8.04
O2' ADP E . -14.49 -14.84 7.16
C1' ADP E . -13.11 -15.18 9.11
N9 ADP E . -13.10 -14.42 10.38
C8 ADP E . -12.06 -13.73 10.88
N7 ADP E . -12.37 -13.13 12.06
C5 ADP E . -13.64 -13.44 12.34
C6 ADP E . -14.59 -13.14 13.43
N6 ADP E . -14.23 -12.38 14.48
N1 ADP E . -15.82 -13.66 13.31
C2 ADP E . -16.20 -14.42 12.28
N3 ADP E . -15.40 -14.73 11.25
C4 ADP E . -14.13 -14.28 11.23
#